data_7QW7
#
_entry.id   7QW7
#
_cell.length_a   88.010
_cell.length_b   88.010
_cell.length_c   155.481
_cell.angle_alpha   90.000
_cell.angle_beta   90.000
_cell.angle_gamma   120.000
#
_symmetry.space_group_name_H-M   'P 61'
#
loop_
_entity.id
_entity.type
_entity.pdbx_description
1 polymer 'Modification methylase BseCI'
2 polymer 'Fully methylated DNA duplex'
3 polymer 'Fully methylated DNA duplex'
4 non-polymer S-ADENOSYL-L-HOMOCYSTEINE
5 water water
#
loop_
_entity_poly.entity_id
_entity_poly.type
_entity_poly.pdbx_seq_one_letter_code
_entity_poly.pdbx_strand_id
1 'polypeptide(L)'
;MMSVQKANTVSRQKATGAHFTPDKLAEVIAKRILDYFKGEKNRVIRVLDPACGDGELLLAINKVAQSMNIQLELIGVDFD
IDAINIANERLSRSGHKNFRLINKDFLEMVSEGDNYDLFNIEELEPVDIIIANPPYVRTQILGAEKAQKLREKFNLKGRV
DLYQAFLVAMTQQLKSNGIIGVITSNRYLTTKGGESTRKFLVSNFNILEIMDLGDSKFFEAAVLPAIFFGEKKNKEYQKE
NSNVPKFFKIYEQSDIEASSSVNSEFNSLIELLEVNKSGLYSVEDKTYSISLGKIISPENYKEPWILATEDEYEWFMKVN
QNAYGFIEDFAHVKVGIKTTADSVFIRSDWGELPEEQIPEDKLLRPIISADQANKWSVSLVGNNKKVLYTHEIRDGQIKA
INLEEFPRAKNYLESHKERLASRKYVLKANRNWYEIWVPHDPSLWDKPKIIFPDTSPEPKFFYEDKGSVVDGNCYWIIPK
KENSNDILFLIMGICNSKFMSKYHDIAFQNKLYAGRRRYLTQYVNKYPIPDPESIYSKEIISLVRELVNNKKETQDINEI
ENRIEKLILRAFDIESLKYHHHHHH
;
A
2 'polydeoxyribonucleotide' (DG)(DC)(DA)(DT)(DC)(DG)(6MA)(DT)(DC)(DG) Z
3 'polydeoxyribonucleotide' (DC)(DG)(DA)(DT)(DC)(DG)(6MA)(DT)(DG)(DC) Y
#
loop_
_chem_comp.id
_chem_comp.type
_chem_comp.name
_chem_comp.formula
6MA DNA linking N6-METHYL-DEOXY-ADENOSINE-5'-MONOPHOSPHATE 'C11 H16 N5 O6 P'
DA DNA linking 2'-DEOXYADENOSINE-5'-MONOPHOSPHATE 'C10 H14 N5 O6 P'
DC DNA linking 2'-DEOXYCYTIDINE-5'-MONOPHOSPHATE 'C9 H14 N3 O7 P'
DG DNA linking 2'-DEOXYGUANOSINE-5'-MONOPHOSPHATE 'C10 H14 N5 O7 P'
DT DNA linking THYMIDINE-5'-MONOPHOSPHATE 'C10 H15 N2 O8 P'
SAH non-polymer S-ADENOSYL-L-HOMOCYSTEINE 'C14 H20 N6 O5 S'
#
# COMPACT_ATOMS: atom_id res chain seq x y z
N THR A 9 -12.26 -7.20 18.07
CA THR A 9 -12.81 -8.40 17.45
C THR A 9 -13.00 -8.19 15.95
N VAL A 10 -13.45 -9.24 15.27
CA VAL A 10 -13.72 -9.21 13.83
C VAL A 10 -15.23 -9.21 13.65
N SER A 11 -15.79 -8.06 13.29
CA SER A 11 -17.22 -7.96 13.09
C SER A 11 -17.65 -8.72 11.83
N ARG A 12 -18.95 -9.02 11.75
CA ARG A 12 -19.47 -9.72 10.57
C ARG A 12 -19.28 -8.86 9.32
N GLN A 13 -19.42 -7.55 9.45
CA GLN A 13 -19.15 -6.65 8.33
C GLN A 13 -17.68 -6.68 7.92
N LYS A 14 -16.79 -6.94 8.88
CA LYS A 14 -15.36 -7.01 8.60
C LYS A 14 -15.00 -8.30 7.87
N ALA A 15 -15.63 -9.41 8.24
CA ALA A 15 -15.31 -10.70 7.63
C ALA A 15 -16.01 -10.90 6.30
N THR A 16 -17.19 -10.32 6.11
CA THR A 16 -17.92 -10.45 4.85
C THR A 16 -17.74 -9.25 3.93
N GLY A 17 -17.14 -8.16 4.40
CA GLY A 17 -16.98 -6.96 3.61
C GLY A 17 -18.27 -6.28 3.18
N ALA A 18 -19.20 -6.08 4.12
CA ALA A 18 -20.53 -5.58 3.79
C ALA A 18 -20.62 -4.06 3.95
N HIS A 19 -19.93 -3.37 3.04
CA HIS A 19 -20.01 -1.91 2.91
C HIS A 19 -20.70 -1.56 1.60
N PHE A 20 -21.73 -0.74 1.70
CA PHE A 20 -22.51 -0.42 0.49
C PHE A 20 -21.94 0.82 -0.18
N THR A 21 -22.10 0.90 -1.48
CA THR A 21 -21.55 2.02 -2.26
C THR A 21 -22.48 3.23 -2.16
N PRO A 22 -21.96 4.42 -1.92
CA PRO A 22 -22.82 5.61 -1.90
C PRO A 22 -23.53 5.83 -3.23
N ASP A 23 -24.63 6.57 -3.17
CA ASP A 23 -25.52 6.71 -4.32
C ASP A 23 -24.84 7.45 -5.47
N LYS A 24 -24.23 8.60 -5.18
CA LYS A 24 -23.66 9.43 -6.25
C LYS A 24 -22.49 8.74 -6.93
N LEU A 25 -21.64 8.07 -6.15
CA LEU A 25 -20.52 7.34 -6.73
C LEU A 25 -21.01 6.19 -7.60
N ALA A 26 -22.05 5.49 -7.15
CA ALA A 26 -22.65 4.44 -7.98
C ALA A 26 -23.16 5.00 -9.30
N GLU A 27 -23.82 6.16 -9.24
CA GLU A 27 -24.32 6.79 -10.47
C GLU A 27 -23.17 7.16 -11.41
N VAL A 28 -22.07 7.67 -10.85
CA VAL A 28 -20.91 8.04 -11.68
C VAL A 28 -20.33 6.81 -12.37
N ILE A 29 -20.18 5.71 -11.63
CA ILE A 29 -19.66 4.48 -12.22
C ILE A 29 -20.58 3.97 -13.30
N ALA A 30 -21.88 3.97 -13.05
CA ALA A 30 -22.85 3.50 -14.05
C ALA A 30 -22.81 4.34 -15.31
N LYS A 31 -22.70 5.67 -15.14
CA LYS A 31 -22.65 6.54 -16.30
C LYS A 31 -21.40 6.31 -17.14
N ARG A 32 -20.26 6.12 -16.47
CA ARG A 32 -19.04 5.81 -17.23
C ARG A 32 -19.16 4.47 -17.95
N ILE A 33 -19.76 3.47 -17.28
CA ILE A 33 -19.92 2.16 -17.92
C ILE A 33 -20.77 2.28 -19.17
N LEU A 34 -21.90 2.99 -19.07
CA LEU A 34 -22.77 3.12 -20.24
C LEU A 34 -22.19 4.04 -21.30
N ASP A 35 -21.23 4.91 -20.94
CA ASP A 35 -20.54 5.70 -21.96
C ASP A 35 -19.50 4.87 -22.70
N TYR A 36 -18.81 3.97 -21.99
CA TYR A 36 -17.79 3.12 -22.62
C TYR A 36 -18.38 1.95 -23.40
N PHE A 37 -19.65 1.65 -23.21
CA PHE A 37 -20.26 0.50 -23.87
C PHE A 37 -20.52 0.80 -25.35
N LYS A 38 -20.01 -0.06 -26.22
CA LYS A 38 -20.14 0.09 -27.67
C LYS A 38 -20.62 -1.21 -28.30
N GLY A 39 -21.72 -1.74 -27.77
CA GLY A 39 -22.22 -3.02 -28.25
C GLY A 39 -23.73 -3.11 -28.43
N GLU A 40 -24.23 -2.55 -29.53
CA GLU A 40 -25.60 -2.74 -30.01
C GLU A 40 -26.63 -1.92 -29.25
N LYS A 41 -26.87 -2.26 -27.98
CA LYS A 41 -27.75 -1.55 -27.05
C LYS A 41 -29.18 -1.36 -27.57
N ASN A 42 -29.65 -2.21 -28.49
CA ASN A 42 -31.05 -2.21 -28.86
C ASN A 42 -31.83 -3.39 -28.30
N ARG A 43 -31.17 -4.53 -28.10
CA ARG A 43 -31.79 -5.70 -27.48
C ARG A 43 -31.72 -5.56 -25.96
N VAL A 44 -32.05 -6.63 -25.25
CA VAL A 44 -31.94 -6.66 -23.80
C VAL A 44 -30.49 -6.93 -23.38
N ILE A 45 -29.87 -5.97 -22.72
CA ILE A 45 -28.50 -6.09 -22.24
C ILE A 45 -28.52 -6.73 -20.87
N ARG A 46 -27.74 -7.79 -20.69
CA ARG A 46 -27.64 -8.44 -19.39
C ARG A 46 -26.59 -7.73 -18.53
N VAL A 47 -26.93 -7.47 -17.27
CA VAL A 47 -26.05 -6.80 -16.33
C VAL A 47 -25.88 -7.70 -15.12
N LEU A 48 -24.66 -7.81 -14.61
CA LEU A 48 -24.36 -8.68 -13.48
C LEU A 48 -23.71 -7.90 -12.35
N ASP A 49 -24.14 -8.20 -11.13
CA ASP A 49 -23.48 -7.71 -9.91
C ASP A 49 -23.19 -8.92 -9.02
N PRO A 50 -21.95 -9.39 -9.00
CA PRO A 50 -21.65 -10.65 -8.27
C PRO A 50 -21.80 -10.50 -6.77
N ALA A 51 -21.74 -9.28 -6.22
CA ALA A 51 -21.98 -9.02 -4.81
C ALA A 51 -22.90 -7.79 -4.81
N CYS A 52 -24.21 -8.05 -4.90
CA CYS A 52 -25.16 -6.98 -5.17
C CYS A 52 -25.46 -6.27 -3.86
N GLY A 53 -25.51 -7.01 -2.76
CA GLY A 53 -25.79 -6.40 -1.48
C GLY A 53 -27.16 -5.76 -1.47
N ASP A 54 -27.20 -4.44 -1.24
CA ASP A 54 -28.46 -3.71 -1.28
C ASP A 54 -29.04 -3.61 -2.68
N GLY A 55 -28.23 -3.83 -3.71
CA GLY A 55 -28.67 -3.59 -5.07
C GLY A 55 -28.49 -2.16 -5.52
N GLU A 56 -27.53 -1.43 -4.93
CA GLU A 56 -27.35 -0.02 -5.28
C GLU A 56 -26.81 0.15 -6.68
N LEU A 57 -25.83 -0.68 -7.06
CA LEU A 57 -25.20 -0.54 -8.38
C LEU A 57 -26.19 -0.91 -9.48
N LEU A 58 -26.99 -1.96 -9.28
CA LEU A 58 -28.00 -2.32 -10.27
C LEU A 58 -29.03 -1.22 -10.41
N LEU A 59 -29.47 -0.62 -9.29
CA LEU A 59 -30.42 0.48 -9.34
C LEU A 59 -29.85 1.67 -10.10
N ALA A 60 -28.57 1.99 -9.85
CA ALA A 60 -27.95 3.13 -10.53
C ALA A 60 -27.85 2.89 -12.02
N ILE A 61 -27.34 1.71 -12.41
CA ILE A 61 -27.17 1.43 -13.83
C ILE A 61 -28.53 1.34 -14.53
N ASN A 62 -29.56 0.87 -13.83
CA ASN A 62 -30.88 0.82 -14.46
C ASN A 62 -31.50 2.20 -14.60
N LYS A 63 -31.24 3.08 -13.62
CA LYS A 63 -31.68 4.47 -13.76
C LYS A 63 -31.03 5.12 -14.97
N VAL A 64 -29.72 4.95 -15.13
CA VAL A 64 -29.03 5.55 -16.27
C VAL A 64 -29.53 4.94 -17.58
N ALA A 65 -29.74 3.62 -17.60
CA ALA A 65 -30.18 2.95 -18.82
C ALA A 65 -31.59 3.39 -19.22
N GLN A 66 -32.50 3.50 -18.26
CA GLN A 66 -33.84 3.99 -18.57
C GLN A 66 -33.81 5.45 -18.97
N SER A 67 -32.82 6.21 -18.49
CA SER A 67 -32.60 7.55 -19.03
C SER A 67 -32.16 7.48 -20.49
N MET A 68 -31.42 6.45 -20.87
CA MET A 68 -30.99 6.26 -22.25
C MET A 68 -31.94 5.37 -23.06
N ASN A 69 -33.13 5.06 -22.53
CA ASN A 69 -34.10 4.19 -23.20
C ASN A 69 -33.46 2.83 -23.54
N ILE A 70 -32.74 2.26 -22.59
CA ILE A 70 -32.07 0.98 -22.76
C ILE A 70 -32.68 -0.02 -21.78
N GLN A 71 -33.15 -1.15 -22.30
CA GLN A 71 -33.74 -2.19 -21.47
C GLN A 71 -32.64 -3.10 -20.94
N LEU A 72 -32.63 -3.30 -19.62
CA LEU A 72 -31.63 -4.13 -18.96
C LEU A 72 -32.29 -5.36 -18.34
N GLU A 73 -31.48 -6.41 -18.19
CA GLU A 73 -31.83 -7.59 -17.42
C GLU A 73 -30.82 -7.67 -16.27
N LEU A 74 -31.24 -7.27 -15.09
CA LEU A 74 -30.36 -7.15 -13.95
C LEU A 74 -30.26 -8.48 -13.21
N ILE A 75 -29.04 -8.91 -12.91
CA ILE A 75 -28.78 -10.15 -12.18
C ILE A 75 -27.87 -9.81 -11.03
N GLY A 76 -28.26 -10.25 -9.84
CA GLY A 76 -27.47 -10.03 -8.63
C GLY A 76 -27.17 -11.35 -7.96
N VAL A 77 -26.00 -11.43 -7.34
CA VAL A 77 -25.60 -12.61 -6.59
C VAL A 77 -25.13 -12.16 -5.21
N ASP A 78 -25.58 -12.86 -4.17
CA ASP A 78 -25.10 -12.58 -2.83
C ASP A 78 -25.35 -13.79 -1.94
N PHE A 79 -24.36 -14.14 -1.12
CA PHE A 79 -24.46 -15.32 -0.29
C PHE A 79 -25.17 -15.06 1.03
N ASP A 80 -25.54 -13.81 1.31
CA ASP A 80 -26.32 -13.46 2.50
C ASP A 80 -27.77 -13.28 2.12
N ILE A 81 -28.67 -13.85 2.91
CA ILE A 81 -30.08 -13.86 2.53
C ILE A 81 -30.75 -12.52 2.86
N ASP A 82 -30.31 -11.82 3.90
CA ASP A 82 -30.89 -10.52 4.23
C ASP A 82 -30.61 -9.51 3.12
N ALA A 83 -29.38 -9.51 2.60
CA ALA A 83 -29.06 -8.65 1.46
C ALA A 83 -29.91 -8.99 0.25
N ILE A 84 -30.10 -10.30 -0.01
CA ILE A 84 -30.96 -10.71 -1.12
C ILE A 84 -32.37 -10.17 -0.94
N ASN A 85 -32.91 -10.27 0.27
CA ASN A 85 -34.28 -9.84 0.50
C ASN A 85 -34.43 -8.33 0.35
N ILE A 86 -33.49 -7.56 0.89
CA ILE A 86 -33.62 -6.12 0.78
C ILE A 86 -33.42 -5.67 -0.67
N ALA A 87 -32.50 -6.32 -1.40
CA ALA A 87 -32.30 -5.99 -2.80
C ALA A 87 -33.53 -6.33 -3.63
N ASN A 88 -34.16 -7.47 -3.34
CA ASN A 88 -35.40 -7.83 -4.04
C ASN A 88 -36.48 -6.80 -3.77
N GLU A 89 -36.61 -6.36 -2.51
CA GLU A 89 -37.61 -5.35 -2.19
C GLU A 89 -37.35 -4.05 -2.95
N ARG A 90 -36.10 -3.59 -2.94
CA ARG A 90 -35.78 -2.33 -3.61
C ARG A 90 -35.97 -2.42 -5.12
N LEU A 91 -35.64 -3.56 -5.72
CA LEU A 91 -35.79 -3.72 -7.16
C LEU A 91 -37.26 -3.86 -7.56
N SER A 92 -38.08 -4.46 -6.69
CA SER A 92 -39.50 -4.56 -6.99
C SER A 92 -40.19 -3.21 -6.85
N ARG A 93 -39.78 -2.43 -5.84
CA ARG A 93 -40.41 -1.12 -5.64
C ARG A 93 -40.07 -0.13 -6.75
N SER A 94 -39.03 -0.40 -7.53
CA SER A 94 -38.79 0.39 -8.73
C SER A 94 -39.73 -0.06 -9.85
N GLY A 95 -39.67 0.65 -10.97
CA GLY A 95 -40.52 0.34 -12.10
C GLY A 95 -39.95 -0.73 -13.01
N HIS A 96 -39.06 -1.57 -12.49
CA HIS A 96 -38.39 -2.60 -13.27
C HIS A 96 -38.98 -3.96 -12.94
N LYS A 97 -39.16 -4.79 -13.97
CA LYS A 97 -39.71 -6.13 -13.81
C LYS A 97 -38.72 -7.24 -14.13
N ASN A 98 -37.76 -6.99 -15.02
CA ASN A 98 -36.85 -8.03 -15.49
C ASN A 98 -35.58 -7.99 -14.63
N PHE A 99 -35.63 -8.68 -13.50
CA PHE A 99 -34.45 -8.82 -12.66
C PHE A 99 -34.46 -10.21 -12.02
N ARG A 100 -33.31 -10.59 -11.49
CA ARG A 100 -33.13 -11.93 -10.94
C ARG A 100 -32.03 -11.91 -9.91
N LEU A 101 -32.30 -12.48 -8.74
CA LEU A 101 -31.35 -12.52 -7.63
C LEU A 101 -31.04 -13.97 -7.27
N ILE A 102 -29.78 -14.22 -6.91
CA ILE A 102 -29.29 -15.56 -6.63
C ILE A 102 -28.60 -15.55 -5.27
N ASN A 103 -29.10 -16.36 -4.34
CA ASN A 103 -28.53 -16.50 -3.00
C ASN A 103 -27.52 -17.63 -3.04
N LYS A 104 -26.28 -17.30 -3.35
CA LYS A 104 -25.21 -18.30 -3.41
C LYS A 104 -23.86 -17.60 -3.27
N ASP A 105 -22.82 -18.40 -3.05
CA ASP A 105 -21.45 -17.92 -3.05
C ASP A 105 -20.98 -17.80 -4.50
N PHE A 106 -20.57 -16.60 -4.89
CA PHE A 106 -20.21 -16.36 -6.29
C PHE A 106 -18.94 -17.12 -6.67
N LEU A 107 -17.99 -17.23 -5.74
CA LEU A 107 -16.75 -17.95 -6.01
C LEU A 107 -16.95 -19.46 -6.10
N GLU A 108 -18.12 -19.95 -5.67
CA GLU A 108 -18.43 -21.38 -5.71
C GLU A 108 -17.39 -22.21 -4.97
N MET A 109 -16.94 -21.69 -3.83
CA MET A 109 -15.93 -22.35 -3.03
C MET A 109 -16.59 -23.31 -2.05
N GLU A 122 -26.78 -24.62 -10.06
CA GLU A 122 -27.49 -23.99 -11.17
C GLU A 122 -26.51 -23.58 -12.26
N GLU A 123 -26.95 -22.71 -13.16
CA GLU A 123 -26.11 -22.25 -14.26
C GLU A 123 -26.26 -20.75 -14.42
N LEU A 124 -25.35 -20.15 -15.18
CA LEU A 124 -25.35 -18.72 -15.43
C LEU A 124 -24.69 -18.46 -16.78
N GLU A 125 -25.46 -17.95 -17.74
CA GLU A 125 -24.92 -17.63 -19.05
C GLU A 125 -24.10 -16.36 -18.99
N PRO A 126 -23.11 -16.22 -19.88
CA PRO A 126 -22.23 -15.04 -19.84
C PRO A 126 -23.01 -13.74 -20.02
N VAL A 127 -22.40 -12.65 -19.54
CA VAL A 127 -23.07 -11.37 -19.38
C VAL A 127 -22.38 -10.32 -20.25
N ASP A 128 -23.13 -9.24 -20.53
CA ASP A 128 -22.64 -8.15 -21.37
C ASP A 128 -21.95 -7.06 -20.56
N ILE A 129 -22.44 -6.77 -19.35
CA ILE A 129 -21.92 -5.68 -18.52
C ILE A 129 -21.81 -6.18 -17.09
N ILE A 130 -20.72 -5.84 -16.43
CA ILE A 130 -20.51 -6.16 -15.02
C ILE A 130 -20.16 -4.90 -14.26
N ILE A 131 -21.00 -4.54 -13.30
CA ILE A 131 -20.72 -3.45 -12.37
C ILE A 131 -20.64 -4.06 -10.99
N ALA A 132 -19.53 -3.84 -10.29
CA ALA A 132 -19.27 -4.59 -9.08
C ALA A 132 -18.52 -3.74 -8.07
N ASN A 133 -18.78 -4.02 -6.79
CA ASN A 133 -17.99 -3.53 -5.67
C ASN A 133 -17.78 -4.72 -4.75
N PRO A 134 -16.80 -5.57 -5.06
CA PRO A 134 -16.60 -6.80 -4.28
C PRO A 134 -16.09 -6.49 -2.88
N PRO A 135 -16.20 -7.43 -1.94
CA PRO A 135 -15.72 -7.18 -0.58
C PRO A 135 -14.20 -7.26 -0.48
N TYR A 136 -13.64 -6.39 0.35
CA TYR A 136 -12.17 -6.37 0.56
C TYR A 136 -11.85 -7.02 1.91
N VAL A 137 -11.53 -8.32 1.91
CA VAL A 137 -11.21 -9.07 3.11
C VAL A 137 -9.75 -9.51 3.00
N ARG A 138 -8.94 -9.06 3.95
CA ARG A 138 -7.51 -9.33 3.90
C ARG A 138 -7.23 -10.80 4.23
N THR A 139 -5.97 -11.20 4.02
CA THR A 139 -5.60 -12.60 4.20
C THR A 139 -5.71 -13.04 5.65
N GLN A 140 -5.45 -12.14 6.60
CA GLN A 140 -5.53 -12.49 8.01
C GLN A 140 -6.94 -12.89 8.41
N ILE A 141 -7.95 -12.21 7.86
CA ILE A 141 -9.33 -12.51 8.21
C ILE A 141 -9.82 -13.78 7.52
N LEU A 142 -9.33 -14.05 6.30
CA LEU A 142 -9.71 -15.27 5.60
C LEU A 142 -9.11 -16.50 6.25
N GLY A 143 -7.94 -16.37 6.87
CA GLY A 143 -7.22 -17.52 7.41
C GLY A 143 -6.32 -18.14 6.35
N ALA A 144 -5.23 -18.80 6.76
CA ALA A 144 -4.28 -19.31 5.77
C ALA A 144 -4.90 -20.39 4.90
N GLU A 145 -5.84 -21.17 5.45
CA GLU A 145 -6.37 -22.32 4.71
C GLU A 145 -7.27 -21.87 3.56
N LYS A 146 -8.26 -21.02 3.84
CA LYS A 146 -9.11 -20.52 2.77
C LYS A 146 -8.31 -19.66 1.79
N ALA A 147 -7.28 -18.98 2.28
CA ALA A 147 -6.43 -18.18 1.39
C ALA A 147 -5.69 -19.06 0.40
N GLN A 148 -5.11 -20.18 0.88
CA GLN A 148 -4.43 -21.07 -0.05
C GLN A 148 -5.42 -21.78 -0.97
N LYS A 149 -6.64 -22.03 -0.50
CA LYS A 149 -7.66 -22.60 -1.38
C LYS A 149 -8.01 -21.62 -2.51
N LEU A 150 -8.21 -20.35 -2.17
CA LEU A 150 -8.48 -19.35 -3.20
C LEU A 150 -7.31 -19.20 -4.16
N ARG A 151 -6.08 -19.24 -3.64
CA ARG A 151 -4.91 -19.14 -4.51
C ARG A 151 -4.85 -20.32 -5.48
N GLU A 152 -5.14 -21.53 -4.99
CA GLU A 152 -5.09 -22.71 -5.85
C GLU A 152 -6.22 -22.71 -6.86
N LYS A 153 -7.38 -22.15 -6.51
CA LYS A 153 -8.50 -22.17 -7.44
C LYS A 153 -8.38 -21.09 -8.52
N PHE A 154 -7.96 -19.89 -8.16
CA PHE A 154 -7.96 -18.77 -9.07
C PHE A 154 -6.56 -18.33 -9.52
N ASN A 155 -5.53 -19.12 -9.21
CA ASN A 155 -4.16 -18.85 -9.63
C ASN A 155 -3.63 -17.48 -9.17
N LEU A 156 -3.72 -17.25 -7.87
CA LEU A 156 -3.24 -16.01 -7.27
C LEU A 156 -2.03 -16.25 -6.38
N LYS A 157 -1.16 -15.25 -6.30
CA LYS A 157 0.06 -15.35 -5.52
C LYS A 157 0.06 -14.32 -4.41
N GLY A 158 0.90 -14.57 -3.41
CA GLY A 158 1.08 -13.64 -2.31
C GLY A 158 -0.11 -13.57 -1.37
N ARG A 159 -0.08 -12.55 -0.52
CA ARG A 159 -1.16 -12.32 0.43
C ARG A 159 -2.44 -11.96 -0.31
N VAL A 160 -3.23 -12.98 -0.67
CA VAL A 160 -4.40 -12.77 -1.50
C VAL A 160 -5.48 -12.03 -0.73
N ASP A 161 -6.15 -11.10 -1.40
CA ASP A 161 -7.34 -10.45 -0.89
C ASP A 161 -8.55 -10.93 -1.69
N LEU A 162 -9.71 -10.89 -1.04
CA LEU A 162 -10.91 -11.50 -1.61
C LEU A 162 -11.32 -10.83 -2.92
N TYR A 163 -11.10 -9.52 -3.05
CA TYR A 163 -11.54 -8.83 -4.26
C TYR A 163 -10.78 -9.31 -5.48
N GLN A 164 -9.55 -9.81 -5.31
CA GLN A 164 -8.79 -10.32 -6.44
C GLN A 164 -9.41 -11.60 -6.98
N ALA A 165 -9.77 -12.52 -6.09
CA ALA A 165 -10.48 -13.72 -6.49
C ALA A 165 -11.81 -13.37 -7.14
N PHE A 166 -12.51 -12.37 -6.59
CA PHE A 166 -13.77 -11.95 -7.20
C PHE A 166 -13.54 -11.39 -8.60
N LEU A 167 -12.46 -10.64 -8.80
CA LEU A 167 -12.14 -10.13 -10.13
C LEU A 167 -11.94 -11.27 -11.12
N VAL A 168 -11.14 -12.27 -10.72
CA VAL A 168 -10.92 -13.43 -11.59
C VAL A 168 -12.24 -14.10 -11.95
N ALA A 169 -13.09 -14.35 -10.94
CA ALA A 169 -14.33 -15.08 -11.19
C ALA A 169 -15.28 -14.28 -12.08
N MET A 170 -15.51 -13.01 -11.75
CA MET A 170 -16.44 -12.21 -12.53
C MET A 170 -15.92 -11.98 -13.94
N THR A 171 -14.60 -11.93 -14.13
CA THR A 171 -14.06 -11.86 -15.48
C THR A 171 -14.35 -13.15 -16.24
N GLN A 172 -14.18 -14.30 -15.58
CA GLN A 172 -14.52 -15.56 -16.21
C GLN A 172 -16.01 -15.65 -16.54
N GLN A 173 -16.84 -14.85 -15.87
CA GLN A 173 -18.28 -14.83 -16.15
C GLN A 173 -18.70 -13.74 -17.13
N LEU A 174 -17.75 -13.17 -17.89
CA LEU A 174 -18.04 -12.06 -18.79
C LEU A 174 -17.81 -12.46 -20.24
N LYS A 175 -18.62 -11.89 -21.13
CA LYS A 175 -18.49 -12.12 -22.56
C LYS A 175 -17.28 -11.38 -23.13
N SER A 176 -16.92 -11.74 -24.35
CA SER A 176 -15.93 -10.95 -25.08
C SER A 176 -16.55 -9.65 -25.54
N ASN A 177 -15.73 -8.59 -25.54
CA ASN A 177 -16.13 -7.22 -25.83
C ASN A 177 -17.08 -6.65 -24.79
N GLY A 178 -17.29 -7.36 -23.68
CA GLY A 178 -18.09 -6.82 -22.59
C GLY A 178 -17.31 -5.82 -21.74
N ILE A 179 -18.04 -4.92 -21.09
CA ILE A 179 -17.45 -3.84 -20.31
C ILE A 179 -17.57 -4.19 -18.84
N ILE A 180 -16.45 -4.13 -18.12
CA ILE A 180 -16.43 -4.23 -16.67
C ILE A 180 -16.11 -2.86 -16.09
N GLY A 181 -16.84 -2.49 -15.04
CA GLY A 181 -16.52 -1.34 -14.23
C GLY A 181 -16.59 -1.76 -12.77
N VAL A 182 -15.44 -1.93 -12.14
CA VAL A 182 -15.38 -2.52 -10.81
C VAL A 182 -14.55 -1.64 -9.90
N ILE A 183 -15.07 -1.33 -8.72
CA ILE A 183 -14.36 -0.52 -7.74
C ILE A 183 -13.82 -1.43 -6.65
N THR A 184 -12.51 -1.33 -6.40
CA THR A 184 -11.82 -2.15 -5.43
C THR A 184 -10.86 -1.27 -4.66
N SER A 185 -10.06 -1.90 -3.79
CA SER A 185 -8.94 -1.20 -3.17
C SER A 185 -7.87 -0.93 -4.22
N ASN A 186 -7.21 0.23 -4.10
CA ASN A 186 -6.20 0.60 -5.08
C ASN A 186 -4.86 -0.08 -4.86
N ARG A 187 -4.75 -0.91 -3.81
CA ARG A 187 -3.45 -1.45 -3.41
C ARG A 187 -2.87 -2.38 -4.46
N TYR A 188 -3.68 -2.94 -5.35
CA TYR A 188 -3.14 -3.77 -6.41
C TYR A 188 -2.28 -2.98 -7.39
N LEU A 189 -2.38 -1.66 -7.39
CA LEU A 189 -1.59 -0.84 -8.30
C LEU A 189 -0.13 -0.72 -7.89
N THR A 190 0.19 -0.92 -6.61
CA THR A 190 1.55 -0.68 -6.13
C THR A 190 2.18 -1.82 -5.35
N THR A 191 1.39 -2.72 -4.75
CA THR A 191 1.99 -3.77 -3.93
C THR A 191 2.49 -4.91 -4.81
N LYS A 192 3.39 -5.72 -4.23
CA LYS A 192 3.85 -6.92 -4.91
C LYS A 192 2.82 -8.05 -4.86
N GLY A 193 1.91 -8.03 -3.88
CA GLY A 193 0.83 -8.98 -3.87
C GLY A 193 -0.16 -8.76 -4.99
N GLY A 194 -0.28 -7.52 -5.46
CA GLY A 194 -1.12 -7.20 -6.60
C GLY A 194 -0.50 -7.50 -7.94
N GLU A 195 0.70 -8.10 -7.95
CA GLU A 195 1.32 -8.51 -9.22
C GLU A 195 0.40 -9.44 -10.00
N SER A 196 -0.18 -10.43 -9.33
CA SER A 196 -1.09 -11.36 -10.00
C SER A 196 -2.30 -10.64 -10.57
N THR A 197 -2.83 -9.66 -9.82
CA THR A 197 -4.00 -8.92 -10.28
C THR A 197 -3.64 -8.06 -11.50
N ARG A 198 -2.49 -7.38 -11.47
CA ARG A 198 -2.08 -6.58 -12.62
C ARG A 198 -1.86 -7.46 -13.84
N LYS A 199 -1.24 -8.62 -13.64
CA LYS A 199 -1.02 -9.56 -14.73
C LYS A 199 -2.35 -9.99 -15.35
N PHE A 200 -3.32 -10.35 -14.50
CA PHE A 200 -4.62 -10.80 -14.98
C PHE A 200 -5.35 -9.67 -15.72
N LEU A 201 -5.35 -8.47 -15.15
CA LEU A 201 -6.06 -7.35 -15.77
C LEU A 201 -5.47 -7.02 -17.13
N VAL A 202 -4.14 -6.97 -17.23
CA VAL A 202 -3.53 -6.63 -18.51
C VAL A 202 -3.63 -7.79 -19.49
N SER A 203 -3.82 -9.03 -19.01
CA SER A 203 -3.96 -10.16 -19.91
C SER A 203 -5.37 -10.29 -20.48
N ASN A 204 -6.39 -9.90 -19.71
CA ASN A 204 -7.76 -10.18 -20.11
C ASN A 204 -8.52 -8.97 -20.63
N PHE A 205 -8.00 -7.76 -20.47
CA PHE A 205 -8.77 -6.56 -20.76
C PHE A 205 -7.96 -5.56 -21.55
N ASN A 206 -8.64 -4.87 -22.46
CA ASN A 206 -8.13 -3.62 -23.01
C ASN A 206 -8.46 -2.53 -22.01
N ILE A 207 -7.48 -2.11 -21.22
CA ILE A 207 -7.70 -1.17 -20.13
C ILE A 207 -8.29 0.09 -20.77
N LEU A 208 -9.48 0.48 -20.30
CA LEU A 208 -10.10 1.70 -20.80
C LEU A 208 -9.73 2.84 -19.86
N GLU A 209 -9.89 2.64 -18.55
CA GLU A 209 -9.54 3.71 -17.62
C GLU A 209 -9.34 3.14 -16.22
N ILE A 210 -8.40 3.74 -15.50
CA ILE A 210 -8.12 3.41 -14.11
C ILE A 210 -8.19 4.71 -13.31
N MET A 211 -9.17 4.81 -12.41
CA MET A 211 -9.36 5.99 -11.57
C MET A 211 -8.89 5.67 -10.15
N ASP A 212 -7.84 6.35 -9.70
CA ASP A 212 -7.39 6.26 -8.32
C ASP A 212 -8.03 7.40 -7.54
N LEU A 213 -8.99 7.06 -6.68
CA LEU A 213 -9.70 8.07 -5.89
C LEU A 213 -8.88 8.60 -4.72
N GLY A 214 -7.78 7.94 -4.38
CA GLY A 214 -6.90 8.45 -3.34
C GLY A 214 -7.60 8.57 -2.01
N ASP A 215 -7.29 9.65 -1.29
CA ASP A 215 -7.82 9.91 0.04
C ASP A 215 -9.06 10.80 0.01
N SER A 216 -9.96 10.60 -0.97
CA SER A 216 -11.17 11.39 -1.04
CA SER A 216 -11.17 11.39 -1.04
C SER A 216 -12.20 10.99 0.01
N LYS A 217 -12.11 9.76 0.53
CA LYS A 217 -12.95 9.26 1.62
C LYS A 217 -14.45 9.24 1.27
N PHE A 218 -14.77 8.55 0.18
CA PHE A 218 -16.17 8.35 -0.18
C PHE A 218 -16.90 7.40 0.76
N PHE A 219 -16.21 6.35 1.21
CA PHE A 219 -16.80 5.39 2.14
C PHE A 219 -16.48 5.79 3.58
N GLU A 220 -17.36 5.39 4.49
CA GLU A 220 -17.11 5.59 5.90
C GLU A 220 -15.89 4.80 6.38
N ALA A 221 -15.55 3.73 5.67
CA ALA A 221 -14.41 2.90 6.02
C ALA A 221 -13.11 3.55 5.54
N ALA A 222 -12.00 3.16 6.15
CA ALA A 222 -10.69 3.69 5.82
C ALA A 222 -10.11 2.84 4.68
N VAL A 223 -10.20 3.35 3.46
CA VAL A 223 -9.68 2.64 2.30
C VAL A 223 -9.47 3.66 1.18
N LEU A 224 -8.43 3.44 0.38
CA LEU A 224 -8.23 4.25 -0.81
C LEU A 224 -8.74 3.46 -2.01
N PRO A 225 -9.90 3.80 -2.56
CA PRO A 225 -10.49 2.99 -3.63
C PRO A 225 -10.03 3.43 -5.01
N ALA A 226 -10.11 2.47 -5.94
CA ALA A 226 -9.83 2.69 -7.34
C ALA A 226 -10.88 1.99 -8.17
N ILE A 227 -11.27 2.61 -9.27
CA ILE A 227 -12.25 2.05 -10.20
C ILE A 227 -11.53 1.65 -11.48
N PHE A 228 -11.87 0.48 -12.00
CA PHE A 228 -11.26 -0.09 -13.19
C PHE A 228 -12.34 -0.30 -14.23
N PHE A 229 -12.20 0.36 -15.38
CA PHE A 229 -13.07 0.19 -16.54
C PHE A 229 -12.27 -0.49 -17.63
N GLY A 230 -12.76 -1.63 -18.10
CA GLY A 230 -12.05 -2.38 -19.13
C GLY A 230 -13.01 -3.10 -20.05
N GLU A 231 -12.50 -3.41 -21.24
CA GLU A 231 -13.21 -4.21 -22.22
C GLU A 231 -12.49 -5.55 -22.38
N LYS A 232 -13.23 -6.65 -22.23
CA LYS A 232 -12.61 -7.96 -22.28
C LYS A 232 -12.11 -8.25 -23.69
N LYS A 233 -10.94 -8.90 -23.78
CA LYS A 233 -10.33 -9.19 -25.07
C LYS A 233 -11.12 -10.25 -25.83
N ASN A 234 -10.94 -10.25 -27.14
CA ASN A 234 -11.60 -11.22 -28.02
C ASN A 234 -10.54 -12.17 -28.57
N LYS A 235 -10.73 -12.64 -29.79
CA LYS A 235 -9.72 -13.43 -30.50
C LYS A 235 -9.40 -13.01 -31.92
N GLU A 236 -10.25 -12.20 -32.56
CA GLU A 236 -9.90 -11.57 -33.83
C GLU A 236 -8.73 -10.60 -33.65
N TYR A 237 -8.51 -10.12 -32.42
CA TYR A 237 -7.49 -9.14 -32.08
C TYR A 237 -7.97 -7.76 -32.53
N GLN A 238 -7.72 -6.75 -31.72
CA GLN A 238 -8.15 -5.40 -32.02
C GLN A 238 -7.17 -4.78 -33.00
N SER A 242 -5.27 0.57 -31.75
CA SER A 242 -6.42 0.36 -30.84
C SER A 242 -6.62 1.59 -29.96
N ASN A 243 -6.71 1.41 -28.63
CA ASN A 243 -6.89 2.50 -27.69
C ASN A 243 -5.68 2.52 -26.77
N VAL A 244 -5.41 3.69 -26.22
CA VAL A 244 -4.36 3.87 -25.22
C VAL A 244 -5.02 3.99 -23.85
N PRO A 245 -4.56 3.24 -22.85
CA PRO A 245 -5.21 3.29 -21.53
C PRO A 245 -4.92 4.62 -20.83
N LYS A 246 -5.98 5.27 -20.38
CA LYS A 246 -5.87 6.53 -19.64
C LYS A 246 -6.20 6.29 -18.16
N PHE A 247 -5.72 7.19 -17.32
CA PHE A 247 -5.96 7.12 -15.89
C PHE A 247 -6.50 8.46 -15.39
N PHE A 248 -7.00 8.41 -14.16
CA PHE A 248 -7.52 9.59 -13.47
C PHE A 248 -7.10 9.46 -12.01
N LYS A 249 -6.27 10.37 -11.54
CA LYS A 249 -5.80 10.36 -10.16
C LYS A 249 -6.28 11.62 -9.45
N ILE A 250 -6.78 11.47 -8.24
CA ILE A 250 -7.21 12.61 -7.43
C ILE A 250 -6.76 12.37 -5.99
N TYR A 251 -5.98 13.29 -5.44
CA TYR A 251 -5.52 13.18 -4.08
C TYR A 251 -5.70 14.51 -3.36
N GLU A 252 -5.65 14.46 -2.04
CA GLU A 252 -5.71 15.68 -1.24
C GLU A 252 -4.34 16.36 -1.26
N GLN A 253 -4.33 17.67 -1.45
CA GLN A 253 -3.11 18.46 -1.53
C GLN A 253 -3.01 19.33 -0.29
N SER A 254 -2.05 19.02 0.58
CA SER A 254 -1.85 19.81 1.79
C SER A 254 -0.98 21.03 1.51
N ASP A 255 0.21 20.81 0.92
CA ASP A 255 1.13 21.89 0.59
C ASP A 255 0.84 22.39 -0.82
N ILE A 256 0.40 23.64 -0.92
CA ILE A 256 0.06 24.27 -2.19
C ILE A 256 1.16 25.24 -2.57
N GLU A 257 1.63 25.15 -3.81
CA GLU A 257 2.68 26.05 -4.28
C GLU A 257 2.13 27.47 -4.43
N ALA A 258 3.00 28.45 -4.15
CA ALA A 258 2.59 29.84 -4.19
C ALA A 258 2.16 30.26 -5.59
N SER A 259 2.86 29.79 -6.61
CA SER A 259 2.59 30.16 -7.99
C SER A 259 1.53 29.27 -8.65
N SER A 260 0.89 28.39 -7.88
CA SER A 260 -0.12 27.48 -8.40
C SER A 260 -1.50 28.06 -8.18
N SER A 261 -2.33 28.05 -9.23
CA SER A 261 -3.68 28.56 -9.18
C SER A 261 -4.67 27.45 -8.89
N VAL A 262 -5.73 27.79 -8.16
CA VAL A 262 -6.74 26.85 -7.71
C VAL A 262 -8.07 27.17 -8.41
N ASN A 263 -8.81 26.13 -8.77
CA ASN A 263 -10.11 26.26 -9.40
C ASN A 263 -11.21 25.92 -8.41
N SER A 264 -12.26 26.75 -8.37
CA SER A 264 -13.33 26.61 -7.39
C SER A 264 -14.71 26.58 -8.05
N GLU A 265 -14.78 26.15 -9.30
CA GLU A 265 -16.03 26.15 -10.06
C GLU A 265 -16.88 24.91 -9.82
N PHE A 266 -16.59 24.15 -8.77
CA PHE A 266 -17.30 22.90 -8.49
C PHE A 266 -17.73 22.89 -7.04
N ASN A 267 -18.99 22.51 -6.81
CA ASN A 267 -19.56 22.53 -5.46
C ASN A 267 -19.24 21.27 -4.66
N SER A 268 -19.60 20.11 -5.20
CA SER A 268 -19.46 18.85 -4.50
C SER A 268 -18.25 18.09 -5.04
N LEU A 269 -17.76 17.16 -4.22
CA LEU A 269 -16.62 16.33 -4.63
C LEU A 269 -17.00 15.40 -5.78
N ILE A 270 -18.25 14.95 -5.82
CA ILE A 270 -18.69 14.06 -6.88
C ILE A 270 -18.67 14.74 -8.25
N GLU A 271 -18.67 16.08 -8.29
CA GLU A 271 -18.54 16.78 -9.55
C GLU A 271 -17.12 16.77 -10.08
N LEU A 272 -16.14 16.46 -9.23
CA LEU A 272 -14.75 16.48 -9.66
C LEU A 272 -14.35 15.25 -10.48
N LEU A 273 -15.14 14.17 -10.40
CA LEU A 273 -14.84 12.96 -11.15
C LEU A 273 -15.27 13.05 -12.61
N GLU A 274 -15.66 14.24 -13.08
CA GLU A 274 -16.01 14.45 -14.48
C GLU A 274 -15.24 15.64 -15.06
N VAL A 275 -14.04 15.89 -14.53
CA VAL A 275 -13.19 16.98 -15.00
C VAL A 275 -12.13 16.40 -15.92
N ASN A 276 -11.87 17.09 -17.04
CA ASN A 276 -10.92 16.62 -18.04
C ASN A 276 -9.71 17.53 -18.16
N LYS A 277 -9.32 18.19 -17.07
CA LYS A 277 -8.13 19.04 -17.04
C LYS A 277 -7.40 18.83 -15.73
N SER A 278 -6.09 18.59 -15.81
CA SER A 278 -5.31 18.30 -14.57
C SER A 278 -5.08 19.61 -13.81
N GLY A 279 -4.95 19.55 -12.49
CA GLY A 279 -4.64 20.76 -11.72
C GLY A 279 -5.24 20.75 -10.32
N LEU A 280 -5.30 21.92 -9.67
CA LEU A 280 -5.81 22.02 -8.31
C LEU A 280 -7.25 22.49 -8.32
N TYR A 281 -8.09 21.83 -7.52
CA TYR A 281 -9.50 22.17 -7.42
C TYR A 281 -9.89 22.23 -5.95
N SER A 282 -10.52 23.33 -5.54
CA SER A 282 -10.93 23.50 -4.16
C SER A 282 -12.40 23.13 -4.02
N VAL A 283 -12.69 22.23 -3.08
CA VAL A 283 -14.05 21.84 -2.76
C VAL A 283 -14.23 21.94 -1.25
N GLU A 284 -15.18 22.77 -0.83
CA GLU A 284 -15.49 22.97 0.58
C GLU A 284 -14.24 23.40 1.35
N ASP A 285 -13.73 22.53 2.21
CA ASP A 285 -12.59 22.85 3.06
C ASP A 285 -11.29 22.23 2.58
N LYS A 286 -11.28 21.58 1.42
CA LYS A 286 -10.11 20.84 0.97
C LYS A 286 -9.71 21.27 -0.43
N THR A 287 -8.45 21.02 -0.76
CA THR A 287 -7.89 21.25 -2.08
C THR A 287 -7.37 19.93 -2.62
N TYR A 288 -7.79 19.57 -3.83
CA TYR A 288 -7.46 18.29 -4.43
C TYR A 288 -6.59 18.52 -5.67
N SER A 289 -5.53 17.75 -5.79
CA SER A 289 -4.74 17.70 -7.00
C SER A 289 -5.26 16.55 -7.88
N ILE A 290 -5.59 16.88 -9.12
CA ILE A 290 -6.15 15.94 -10.08
C ILE A 290 -5.23 15.86 -11.29
N SER A 291 -4.83 14.64 -11.64
CA SER A 291 -3.97 14.38 -12.78
C SER A 291 -4.66 13.44 -13.75
N LEU A 292 -4.49 13.70 -15.04
CA LEU A 292 -5.01 12.85 -16.11
C LEU A 292 -3.89 12.56 -17.08
N GLY A 293 -3.72 11.30 -17.45
CA GLY A 293 -2.71 10.93 -18.40
C GLY A 293 -2.95 9.53 -18.92
N LYS A 294 -1.90 8.93 -19.47
CA LYS A 294 -1.98 7.60 -20.03
C LYS A 294 -1.19 6.62 -19.17
N ILE A 295 -1.68 5.39 -19.09
CA ILE A 295 -0.90 4.30 -18.49
C ILE A 295 0.19 3.89 -19.47
N ILE A 296 1.44 4.03 -19.05
CA ILE A 296 2.58 3.78 -19.93
C ILE A 296 3.03 2.33 -19.75
N SER A 297 2.78 1.50 -20.77
CA SER A 297 3.20 0.11 -20.84
C SER A 297 2.77 -0.75 -19.65
N PRO A 298 1.47 -0.89 -19.40
CA PRO A 298 1.03 -1.76 -18.29
C PRO A 298 1.41 -3.24 -18.41
N GLU A 299 1.90 -3.69 -19.57
CA GLU A 299 2.30 -5.08 -19.73
C GLU A 299 3.49 -5.44 -18.84
N ASN A 300 4.29 -4.45 -18.43
CA ASN A 300 5.36 -4.67 -17.45
C ASN A 300 4.75 -4.65 -16.05
N TYR A 301 3.99 -5.72 -15.76
CA TYR A 301 3.23 -5.84 -14.53
C TYR A 301 4.10 -6.12 -13.31
N LYS A 302 5.40 -6.36 -13.50
CA LYS A 302 6.28 -6.64 -12.37
C LYS A 302 6.35 -5.46 -11.42
N GLU A 303 6.80 -4.31 -11.91
CA GLU A 303 6.87 -3.10 -11.12
C GLU A 303 5.48 -2.48 -10.96
N PRO A 304 5.28 -1.63 -9.96
CA PRO A 304 3.98 -0.97 -9.81
C PRO A 304 3.63 -0.14 -11.04
N TRP A 305 2.32 -0.08 -11.33
CA TRP A 305 1.84 0.72 -12.44
C TRP A 305 1.94 2.20 -12.07
N ILE A 306 2.79 2.93 -12.77
CA ILE A 306 3.02 4.34 -12.49
C ILE A 306 1.90 5.16 -13.14
N LEU A 307 1.17 5.89 -12.31
CA LEU A 307 0.13 6.82 -12.77
C LEU A 307 0.69 8.23 -12.62
N ALA A 308 1.24 8.77 -13.70
CA ALA A 308 1.84 10.10 -13.67
C ALA A 308 1.64 10.76 -15.03
N THR A 309 1.87 12.07 -15.06
CA THR A 309 1.72 12.85 -16.28
C THR A 309 2.93 12.61 -17.20
N GLU A 310 2.99 13.34 -18.31
CA GLU A 310 4.07 13.14 -19.28
C GLU A 310 5.39 13.70 -18.78
N ASP A 311 5.39 14.93 -18.26
CA ASP A 311 6.62 15.53 -17.77
C ASP A 311 7.19 14.74 -16.60
N GLU A 312 6.33 14.33 -15.66
CA GLU A 312 6.79 13.54 -14.54
C GLU A 312 7.40 12.21 -14.99
N TYR A 313 6.77 11.54 -15.95
CA TYR A 313 7.28 10.26 -16.41
C TYR A 313 8.60 10.43 -17.16
N GLU A 314 8.74 11.50 -17.94
CA GLU A 314 10.00 11.73 -18.64
C GLU A 314 11.13 12.06 -17.67
N TRP A 315 10.82 12.85 -16.63
CA TRP A 315 11.82 13.14 -15.60
C TRP A 315 12.22 11.87 -14.86
N PHE A 316 11.24 11.02 -14.56
CA PHE A 316 11.51 9.74 -13.91
C PHE A 316 12.42 8.86 -14.76
N MET A 317 12.12 8.74 -16.06
CA MET A 317 12.93 7.93 -16.94
C MET A 317 14.33 8.50 -17.10
N LYS A 318 14.46 9.83 -17.15
CA LYS A 318 15.78 10.44 -17.24
C LYS A 318 16.60 10.17 -15.99
N VAL A 319 15.99 10.28 -14.82
CA VAL A 319 16.69 9.97 -13.58
C VAL A 319 17.14 8.51 -13.58
N ASN A 320 16.27 7.60 -14.02
CA ASN A 320 16.64 6.19 -14.06
C ASN A 320 17.76 5.94 -15.04
N GLN A 321 17.77 6.65 -16.17
CA GLN A 321 18.79 6.44 -17.17
C GLN A 321 20.16 6.95 -16.70
N ASN A 322 20.17 8.08 -16.01
CA ASN A 322 21.43 8.68 -15.57
C ASN A 322 21.91 8.14 -14.22
N ALA A 323 21.27 7.12 -13.68
CA ALA A 323 21.64 6.59 -12.37
C ALA A 323 22.77 5.57 -12.50
N TYR A 324 23.73 5.65 -11.57
CA TYR A 324 24.83 4.68 -11.57
C TYR A 324 24.38 3.32 -11.06
N GLY A 325 23.45 3.30 -10.10
CA GLY A 325 22.96 2.06 -9.55
C GLY A 325 21.74 2.26 -8.67
N PHE A 326 21.53 1.35 -7.72
CA PHE A 326 20.42 1.43 -6.78
C PHE A 326 20.88 0.97 -5.41
N ILE A 327 20.09 1.32 -4.39
CA ILE A 327 20.44 0.98 -3.01
C ILE A 327 20.54 -0.53 -2.83
N GLU A 328 19.69 -1.28 -3.53
CA GLU A 328 19.71 -2.74 -3.43
C GLU A 328 21.08 -3.31 -3.82
N ASP A 329 21.81 -2.62 -4.69
CA ASP A 329 23.13 -3.05 -5.09
C ASP A 329 24.22 -2.68 -4.10
N PHE A 330 23.95 -1.77 -3.17
CA PHE A 330 24.97 -1.26 -2.26
C PHE A 330 24.74 -1.62 -0.79
N ALA A 331 23.51 -1.87 -0.37
CA ALA A 331 23.26 -2.04 1.05
C ALA A 331 22.05 -2.92 1.29
N HIS A 332 22.08 -3.65 2.41
CA HIS A 332 20.93 -4.40 2.88
C HIS A 332 19.93 -3.45 3.54
N VAL A 333 18.67 -3.58 3.14
CA VAL A 333 17.56 -2.81 3.70
C VAL A 333 16.67 -3.81 4.43
N LYS A 334 16.87 -3.91 5.75
CA LYS A 334 16.18 -4.90 6.56
C LYS A 334 15.09 -4.22 7.40
N VAL A 335 14.18 -5.03 7.91
CA VAL A 335 13.12 -4.56 8.78
C VAL A 335 13.55 -4.76 10.22
N GLY A 336 12.95 -4.00 11.13
CA GLY A 336 13.18 -4.17 12.55
C GLY A 336 12.68 -5.51 13.05
N ILE A 337 12.75 -5.69 14.36
CA ILE A 337 12.34 -6.93 14.99
C ILE A 337 10.82 -7.00 15.06
N LYS A 338 10.27 -8.18 14.81
CA LYS A 338 8.83 -8.41 14.85
C LYS A 338 8.59 -9.42 15.98
N THR A 339 8.33 -8.90 17.18
CA THR A 339 8.19 -9.77 18.34
C THR A 339 6.85 -10.48 18.41
N THR A 340 5.82 -9.96 17.73
CA THR A 340 4.46 -10.49 17.80
C THR A 340 3.90 -10.49 19.20
N ALA A 341 4.45 -9.64 20.08
CA ALA A 341 3.95 -9.42 21.43
C ALA A 341 4.60 -8.18 22.03
N ASP A 342 4.36 -7.01 21.40
CA ASP A 342 5.08 -5.80 21.77
C ASP A 342 4.84 -5.41 23.22
N SER A 343 3.62 -5.63 23.71
CA SER A 343 3.29 -5.25 25.08
C SER A 343 4.06 -6.06 26.11
N VAL A 344 4.67 -7.18 25.71
CA VAL A 344 5.37 -8.07 26.63
C VAL A 344 6.89 -7.92 26.49
N PHE A 345 7.38 -7.80 25.26
CA PHE A 345 8.82 -7.79 25.02
C PHE A 345 9.43 -6.40 25.01
N ILE A 346 8.65 -5.36 24.72
CA ILE A 346 9.16 -3.99 24.63
C ILE A 346 8.43 -3.14 25.67
N ARG A 347 9.17 -2.67 26.66
CA ARG A 347 8.63 -1.84 27.73
C ARG A 347 9.66 -0.79 28.12
N SER A 348 9.18 0.23 28.83
CA SER A 348 10.05 1.25 29.38
C SER A 348 10.09 1.19 30.90
N ASP A 349 9.05 0.67 31.53
CA ASP A 349 8.96 0.55 32.98
C ASP A 349 9.47 -0.81 33.46
N TRP A 350 10.76 -1.09 33.21
CA TRP A 350 11.32 -2.36 33.64
C TRP A 350 11.66 -2.29 35.12
N GLY A 351 11.96 -1.10 35.64
CA GLY A 351 12.31 -0.96 37.04
C GLY A 351 11.13 -0.95 37.99
N GLU A 352 9.93 -0.66 37.49
CA GLU A 352 8.74 -0.60 38.33
C GLU A 352 8.12 -1.97 38.59
N LEU A 353 8.58 -3.01 37.90
CA LEU A 353 8.08 -4.36 38.12
C LEU A 353 8.61 -4.91 39.44
N PRO A 354 8.00 -5.97 39.97
CA PRO A 354 8.55 -6.63 41.16
C PRO A 354 9.97 -7.10 40.92
N GLU A 355 10.75 -7.13 42.01
CA GLU A 355 12.16 -7.47 41.91
C GLU A 355 12.39 -8.90 41.44
N GLU A 356 11.39 -9.77 41.56
CA GLU A 356 11.54 -11.16 41.12
C GLU A 356 11.42 -11.31 39.61
N GLN A 357 10.82 -10.33 38.93
CA GLN A 357 10.56 -10.43 37.50
C GLN A 357 11.41 -9.49 36.67
N ILE A 358 12.20 -8.62 37.27
CA ILE A 358 13.06 -7.71 36.53
C ILE A 358 14.16 -8.52 35.84
N PRO A 359 14.17 -8.57 34.51
CA PRO A 359 15.15 -9.40 33.81
C PRO A 359 16.56 -8.82 33.92
N GLU A 360 17.54 -9.70 33.71
CA GLU A 360 18.93 -9.28 33.76
C GLU A 360 19.23 -8.31 32.63
N ASP A 361 20.01 -7.27 32.95
CA ASP A 361 20.33 -6.26 31.94
C ASP A 361 21.11 -6.82 30.76
N LYS A 362 21.66 -8.03 30.88
CA LYS A 362 22.26 -8.69 29.73
C LYS A 362 21.24 -8.89 28.60
N LEU A 363 19.98 -9.14 28.96
CA LEU A 363 18.94 -9.36 27.97
C LEU A 363 18.26 -8.08 27.51
N LEU A 364 18.26 -7.04 28.35
CA LEU A 364 17.58 -5.79 28.02
C LEU A 364 18.47 -4.97 27.09
N ARG A 365 18.06 -4.83 25.84
CA ARG A 365 18.82 -4.03 24.88
C ARG A 365 18.06 -2.76 24.53
N PRO A 366 18.74 -1.61 24.49
CA PRO A 366 18.05 -0.38 24.09
C PRO A 366 17.50 -0.50 22.67
N ILE A 367 16.30 0.05 22.48
CA ILE A 367 15.62 -0.05 21.20
C ILE A 367 15.27 1.37 20.73
N ILE A 368 15.08 1.50 19.42
CA ILE A 368 14.73 2.77 18.79
C ILE A 368 13.44 2.57 18.02
N SER A 369 12.41 3.36 18.33
CA SER A 369 11.12 3.28 17.69
C SER A 369 10.97 4.40 16.65
N ALA A 370 9.81 4.44 16.01
CA ALA A 370 9.54 5.43 14.98
C ALA A 370 9.24 6.82 15.54
N ASP A 371 8.82 6.91 16.81
CA ASP A 371 8.52 8.21 17.40
C ASP A 371 9.77 9.02 17.71
N GLN A 372 10.87 8.35 18.05
CA GLN A 372 12.14 9.03 18.33
C GLN A 372 12.99 9.11 17.07
N ALA A 373 12.42 9.71 16.03
CA ALA A 373 13.04 9.73 14.70
C ALA A 373 13.02 11.15 14.14
N ASN A 374 14.20 11.73 13.99
CA ASN A 374 14.40 12.98 13.27
C ASN A 374 15.22 12.70 12.02
N LYS A 375 15.57 13.75 11.29
CA LYS A 375 16.48 13.60 10.18
C LYS A 375 17.93 13.68 10.64
N TRP A 376 18.82 13.02 9.86
CA TRP A 376 20.28 13.04 10.16
C TRP A 376 20.58 12.34 11.49
N SER A 377 20.07 12.87 12.60
CA SER A 377 20.36 12.29 13.94
C SER A 377 19.37 12.83 14.97
N VAL A 378 18.95 11.98 15.92
CA VAL A 378 18.07 12.42 16.98
C VAL A 378 18.88 12.51 18.27
N SER A 379 18.52 13.48 19.12
CA SER A 379 19.23 13.66 20.37
C SER A 379 18.92 12.58 21.39
N LEU A 380 17.75 11.93 21.26
CA LEU A 380 17.27 10.92 22.20
C LEU A 380 17.16 11.46 23.63
N VAL A 381 16.67 10.60 24.51
CA VAL A 381 16.57 10.93 25.96
C VAL A 381 16.83 9.62 26.73
N GLY A 382 17.41 8.63 26.06
CA GLY A 382 17.60 7.30 26.67
C GLY A 382 16.35 6.53 26.29
N ASN A 383 15.26 7.22 25.95
CA ASN A 383 13.99 6.58 25.49
C ASN A 383 13.50 5.64 26.60
N ASN A 384 14.41 5.00 27.31
CA ASN A 384 14.09 4.04 28.37
C ASN A 384 13.44 2.79 27.76
N LYS A 385 13.11 2.86 26.48
CA LYS A 385 12.57 1.72 25.76
C LYS A 385 13.65 0.67 25.59
N LYS A 386 13.47 -0.49 26.21
CA LYS A 386 14.38 -1.60 26.06
C LYS A 386 13.59 -2.85 25.73
N VAL A 387 14.21 -3.73 24.94
CA VAL A 387 13.58 -4.97 24.50
C VAL A 387 14.23 -6.13 25.24
N LEU A 388 13.41 -7.11 25.60
CA LEU A 388 13.89 -8.37 26.18
C LEU A 388 14.32 -9.27 25.03
N TYR A 389 15.57 -9.12 24.61
CA TYR A 389 16.08 -9.89 23.47
C TYR A 389 16.28 -11.35 23.87
N THR A 390 15.69 -12.26 23.11
CA THR A 390 15.61 -13.67 23.48
C THR A 390 16.58 -14.57 22.73
N HIS A 391 17.43 -14.02 21.85
CA HIS A 391 18.35 -14.81 21.06
C HIS A 391 19.78 -14.37 21.33
N GLU A 392 20.72 -15.24 20.95
CA GLU A 392 22.13 -14.96 21.16
C GLU A 392 22.95 -15.80 20.19
N ILE A 393 24.26 -15.50 20.15
CA ILE A 393 25.22 -16.23 19.36
C ILE A 393 25.94 -17.19 20.29
N ARG A 394 25.50 -18.45 20.30
CA ARG A 394 26.07 -19.45 21.19
C ARG A 394 27.27 -20.09 20.50
N ASP A 395 27.04 -21.21 19.82
CA ASP A 395 28.11 -21.95 19.14
C ASP A 395 28.16 -21.52 17.68
N GLY A 396 28.54 -20.27 17.46
CA GLY A 396 28.58 -19.69 16.14
C GLY A 396 27.26 -19.55 15.40
N GLN A 397 26.17 -20.08 15.94
CA GLN A 397 24.86 -20.00 15.32
C GLN A 397 23.94 -19.14 16.18
N ILE A 398 22.79 -18.78 15.60
CA ILE A 398 21.78 -18.00 16.29
C ILE A 398 20.86 -18.96 17.03
N LYS A 399 20.86 -18.90 18.36
CA LYS A 399 20.02 -19.78 19.15
C LYS A 399 19.25 -18.96 20.19
N ALA A 400 18.03 -19.41 20.47
CA ALA A 400 17.24 -18.81 21.54
C ALA A 400 17.89 -19.08 22.89
N ILE A 401 17.71 -18.14 23.81
CA ILE A 401 18.33 -18.27 25.13
C ILE A 401 17.69 -19.41 25.92
N ASN A 402 18.41 -19.87 26.93
CA ASN A 402 17.92 -20.86 27.88
C ASN A 402 17.42 -20.13 29.11
N LEU A 403 16.16 -20.36 29.48
CA LEU A 403 15.56 -19.66 30.60
C LEU A 403 16.10 -20.10 31.95
N GLU A 404 16.76 -21.27 32.01
CA GLU A 404 17.32 -21.72 33.28
C GLU A 404 18.47 -20.84 33.74
N GLU A 405 19.18 -20.22 32.80
CA GLU A 405 20.26 -19.31 33.17
C GLU A 405 19.72 -17.99 33.72
N PHE A 406 18.55 -17.56 33.25
CA PHE A 406 17.94 -16.30 33.68
C PHE A 406 16.65 -16.61 34.42
N PRO A 407 16.69 -16.79 35.74
CA PRO A 407 15.46 -17.14 36.46
C PRO A 407 14.44 -16.03 36.52
N ARG A 408 14.89 -14.78 36.68
CA ARG A 408 13.96 -13.66 36.74
C ARG A 408 13.23 -13.46 35.43
N ALA A 409 13.96 -13.56 34.31
CA ALA A 409 13.32 -13.49 33.00
C ALA A 409 12.37 -14.67 32.79
N LYS A 410 12.74 -15.84 33.32
CA LYS A 410 11.86 -17.00 33.24
C LYS A 410 10.54 -16.74 33.95
N ASN A 411 10.60 -16.15 35.15
CA ASN A 411 9.37 -15.84 35.87
C ASN A 411 8.56 -14.78 35.13
N TYR A 412 9.23 -13.75 34.62
CA TYR A 412 8.51 -12.71 33.88
C TYR A 412 7.79 -13.29 32.67
N LEU A 413 8.41 -14.24 31.98
CA LEU A 413 7.78 -14.85 30.81
C LEU A 413 6.70 -15.87 31.21
N GLU A 414 6.86 -16.53 32.35
CA GLU A 414 5.77 -17.34 32.88
C GLU A 414 4.55 -16.49 33.18
N SER A 415 4.77 -15.22 33.55
CA SER A 415 3.64 -14.33 33.80
C SER A 415 2.75 -14.15 32.58
N HIS A 416 3.31 -14.25 31.37
CA HIS A 416 2.55 -14.05 30.14
C HIS A 416 2.49 -15.30 29.27
N LYS A 417 2.93 -16.44 29.79
CA LYS A 417 2.85 -17.74 29.10
C LYS A 417 1.56 -17.95 28.33
N GLU A 418 0.43 -17.49 28.87
CA GLU A 418 -0.85 -17.69 28.19
C GLU A 418 -0.86 -17.00 26.83
N ARG A 419 -0.59 -15.69 26.82
CA ARG A 419 -0.60 -14.96 25.55
C ARG A 419 0.55 -15.39 24.65
N LEU A 420 1.69 -15.77 25.23
CA LEU A 420 2.85 -16.11 24.40
C LEU A 420 2.67 -17.46 23.72
N ALA A 421 2.04 -18.42 24.39
CA ALA A 421 1.85 -19.75 23.83
C ALA A 421 0.64 -19.84 22.92
N SER A 422 -0.15 -18.76 22.79
CA SER A 422 -1.31 -18.74 21.91
C SER A 422 -0.95 -18.40 20.47
N ARG A 423 0.34 -18.38 20.13
CA ARG A 423 0.79 -18.08 18.77
C ARG A 423 1.03 -19.40 18.06
N LYS A 424 0.08 -19.80 17.21
CA LYS A 424 0.14 -21.13 16.59
C LYS A 424 1.32 -21.23 15.63
N TYR A 425 1.63 -20.15 14.90
CA TYR A 425 2.73 -20.17 13.95
C TYR A 425 4.08 -20.37 14.63
N VAL A 426 4.19 -20.03 15.92
CA VAL A 426 5.44 -20.27 16.63
C VAL A 426 5.59 -21.75 16.96
N LEU A 427 4.51 -22.38 17.42
CA LEU A 427 4.56 -23.80 17.76
C LEU A 427 4.68 -24.67 16.52
N LYS A 428 4.08 -24.27 15.40
CA LYS A 428 4.22 -25.03 14.17
C LYS A 428 5.64 -25.02 13.63
N ALA A 429 6.42 -24.00 13.97
CA ALA A 429 7.81 -23.93 13.56
C ALA A 429 8.75 -24.69 14.50
N ASN A 430 8.19 -25.43 15.47
CA ASN A 430 8.98 -26.15 16.46
C ASN A 430 9.97 -25.24 17.16
N ARG A 431 9.47 -24.07 17.57
CA ARG A 431 10.25 -23.10 18.32
C ARG A 431 9.62 -22.90 19.69
N ASN A 432 10.38 -22.30 20.60
CA ASN A 432 9.92 -22.11 21.96
C ASN A 432 8.90 -20.98 22.04
N TRP A 433 7.98 -21.12 23.00
CA TRP A 433 6.86 -20.20 23.11
C TRP A 433 7.26 -18.80 23.54
N TYR A 434 8.41 -18.66 24.20
CA TYR A 434 8.84 -17.37 24.74
C TYR A 434 9.71 -16.58 23.76
N GLU A 435 9.91 -17.06 22.54
CA GLU A 435 10.87 -16.45 21.64
C GLU A 435 10.28 -15.24 20.93
N ILE A 436 11.15 -14.31 20.57
CA ILE A 436 10.78 -13.25 19.63
C ILE A 436 10.67 -13.85 18.24
N TRP A 437 9.61 -13.50 17.52
CA TRP A 437 9.31 -14.17 16.25
C TRP A 437 10.38 -13.88 15.21
N VAL A 438 10.69 -12.61 14.98
CA VAL A 438 11.75 -12.24 14.04
C VAL A 438 12.87 -11.54 14.80
N PRO A 439 13.85 -12.27 15.33
CA PRO A 439 14.93 -11.63 16.09
C PRO A 439 16.09 -11.10 15.26
N HIS A 440 16.18 -11.48 14.00
CA HIS A 440 17.29 -11.10 13.11
C HIS A 440 18.59 -11.67 13.67
N ASP A 441 19.71 -11.02 13.38
CA ASP A 441 21.02 -11.50 13.82
C ASP A 441 21.50 -10.65 14.98
N PRO A 442 21.74 -11.23 16.16
CA PRO A 442 22.15 -10.42 17.32
C PRO A 442 23.47 -9.68 17.11
N SER A 443 24.31 -10.14 16.18
CA SER A 443 25.61 -9.51 15.97
C SER A 443 25.56 -8.34 15.00
N LEU A 444 24.49 -8.21 14.22
CA LEU A 444 24.38 -7.13 13.25
C LEU A 444 24.00 -5.80 13.88
N TRP A 445 23.47 -5.81 15.11
CA TRP A 445 23.02 -4.56 15.71
C TRP A 445 24.18 -3.61 15.99
N ASP A 446 25.37 -4.15 16.24
CA ASP A 446 26.52 -3.33 16.62
C ASP A 446 27.11 -2.55 15.44
N LYS A 447 26.69 -2.85 14.21
CA LYS A 447 27.25 -2.16 13.06
C LYS A 447 26.62 -0.78 12.91
N PRO A 448 27.38 0.22 12.48
CA PRO A 448 26.78 1.52 12.16
C PRO A 448 25.76 1.38 11.04
N LYS A 449 24.62 2.06 11.19
CA LYS A 449 23.50 1.81 10.31
C LYS A 449 22.69 3.07 10.10
N ILE A 450 21.79 3.00 9.11
CA ILE A 450 20.78 4.01 8.88
C ILE A 450 19.45 3.45 9.37
N ILE A 451 18.60 4.31 9.92
CA ILE A 451 17.28 3.90 10.38
C ILE A 451 16.27 4.89 9.81
N PHE A 452 15.06 4.39 9.55
CA PHE A 452 13.98 5.26 9.09
C PHE A 452 12.65 4.60 9.38
N PRO A 453 11.61 5.38 9.69
CA PRO A 453 10.30 4.79 9.96
C PRO A 453 9.55 4.44 8.68
N ASP A 454 8.66 3.46 8.80
CA ASP A 454 7.79 3.05 7.71
C ASP A 454 6.76 4.12 7.40
N THR A 455 5.76 4.25 8.28
CA THR A 455 4.72 5.24 8.09
C THR A 455 5.27 6.63 8.40
N SER A 456 5.30 7.51 7.39
CA SER A 456 5.85 8.84 7.58
C SER A 456 5.39 9.74 6.45
N PRO A 457 5.12 11.01 6.71
CA PRO A 457 4.78 11.94 5.61
C PRO A 457 6.02 12.46 4.90
N GLU A 458 7.14 12.49 5.62
CA GLU A 458 8.41 12.98 5.12
C GLU A 458 9.51 11.98 5.43
N PRO A 459 10.57 11.93 4.61
CA PRO A 459 11.66 10.99 4.87
C PRO A 459 12.44 11.40 6.12
N LYS A 460 12.60 10.45 7.04
CA LYS A 460 13.28 10.69 8.31
C LYS A 460 14.29 9.54 8.36
N PHE A 461 15.41 9.72 7.66
CA PHE A 461 16.49 8.75 7.66
C PHE A 461 17.54 9.36 8.57
N PHE A 462 18.08 8.56 9.50
CA PHE A 462 19.10 9.07 10.40
C PHE A 462 20.15 8.01 10.69
N TYR A 463 21.29 8.45 11.19
CA TYR A 463 22.46 7.62 11.40
C TYR A 463 22.52 7.13 12.85
N GLU A 464 23.05 5.93 13.05
CA GLU A 464 23.12 5.34 14.38
C GLU A 464 24.38 4.50 14.51
N ASP A 465 25.17 4.78 15.55
CA ASP A 465 26.43 4.10 15.83
C ASP A 465 26.41 3.24 17.08
N LYS A 466 25.56 3.55 18.06
CA LYS A 466 25.66 2.97 19.39
C LYS A 466 25.27 1.50 19.44
N GLY A 467 24.83 0.90 18.34
CA GLY A 467 24.59 -0.52 18.31
C GLY A 467 23.31 -0.98 18.97
N SER A 468 22.23 -0.21 18.83
CA SER A 468 20.97 -0.57 19.44
C SER A 468 20.14 -1.41 18.49
N VAL A 469 18.98 -1.87 18.96
CA VAL A 469 18.07 -2.70 18.18
C VAL A 469 17.02 -1.79 17.54
N VAL A 470 16.47 -2.23 16.41
CA VAL A 470 15.50 -1.47 15.63
C VAL A 470 14.12 -2.09 15.82
N ASP A 471 13.11 -1.22 15.96
CA ASP A 471 11.74 -1.65 16.21
C ASP A 471 11.05 -2.06 14.91
N GLY A 472 9.96 -2.82 15.07
CA GLY A 472 9.24 -3.34 13.92
C GLY A 472 8.62 -2.26 13.04
N ASN A 473 8.31 -1.10 13.61
CA ASN A 473 7.78 0.00 12.81
C ASN A 473 8.88 0.82 12.15
N CYS A 474 10.10 0.29 12.08
CA CYS A 474 11.22 0.97 11.44
C CYS A 474 11.98 -0.03 10.57
N TYR A 475 12.67 0.50 9.56
CA TYR A 475 13.60 -0.26 8.76
C TYR A 475 15.00 0.31 8.98
N TRP A 476 16.00 -0.54 8.75
CA TRP A 476 17.39 -0.13 8.87
C TRP A 476 18.17 -0.56 7.64
N ILE A 477 19.34 0.06 7.48
CA ILE A 477 20.17 -0.06 6.29
C ILE A 477 21.61 -0.25 6.74
N ILE A 478 22.24 -1.32 6.25
CA ILE A 478 23.65 -1.56 6.54
C ILE A 478 24.40 -1.84 5.24
N PRO A 479 25.64 -1.38 5.09
CA PRO A 479 26.35 -1.57 3.83
C PRO A 479 26.67 -3.05 3.57
N LYS A 480 26.77 -3.38 2.29
CA LYS A 480 27.16 -4.74 1.91
C LYS A 480 28.67 -4.94 2.05
N LYS A 481 29.46 -4.07 1.43
CA LYS A 481 30.89 -4.04 1.71
C LYS A 481 31.12 -3.49 3.11
N GLU A 482 32.08 -4.08 3.81
CA GLU A 482 32.35 -3.74 5.21
C GLU A 482 32.99 -2.36 5.38
N ASN A 483 32.57 -1.37 4.59
CA ASN A 483 33.09 -0.01 4.66
C ASN A 483 31.92 0.96 4.61
N SER A 484 31.34 1.26 5.77
CA SER A 484 30.32 2.30 5.89
C SER A 484 30.94 3.69 5.99
N ASN A 485 32.23 3.77 5.67
CA ASN A 485 33.00 5.04 5.75
C ASN A 485 32.29 6.14 4.98
N ASP A 486 31.77 5.84 3.80
CA ASP A 486 31.10 6.83 2.98
C ASP A 486 29.77 6.45 2.36
N ILE A 487 29.45 5.17 2.25
CA ILE A 487 28.28 4.78 1.47
C ILE A 487 26.99 5.06 2.24
N LEU A 488 26.98 4.81 3.55
CA LEU A 488 25.79 5.10 4.34
C LEU A 488 25.47 6.58 4.33
N PHE A 489 26.49 7.43 4.42
CA PHE A 489 26.28 8.87 4.39
C PHE A 489 25.72 9.31 3.04
N LEU A 490 26.22 8.73 1.95
CA LEU A 490 25.69 9.07 0.64
C LEU A 490 24.22 8.65 0.51
N ILE A 491 23.90 7.44 0.99
CA ILE A 491 22.52 6.96 0.94
C ILE A 491 21.62 7.87 1.76
N MET A 492 22.09 8.31 2.92
CA MET A 492 21.30 9.24 3.74
C MET A 492 21.06 10.55 3.01
N GLY A 493 22.14 11.15 2.47
CA GLY A 493 21.99 12.39 1.75
C GLY A 493 21.05 12.28 0.56
N ILE A 494 20.97 11.10 -0.05
CA ILE A 494 20.04 10.91 -1.15
C ILE A 494 18.61 10.76 -0.64
N CYS A 495 18.41 9.94 0.39
CA CYS A 495 17.05 9.57 0.81
C CYS A 495 16.29 10.74 1.41
N ASN A 496 16.97 11.66 2.09
CA ASN A 496 16.29 12.75 2.79
C ASN A 496 16.02 13.97 1.92
N SER A 497 16.32 13.89 0.63
CA SER A 497 16.17 15.04 -0.26
C SER A 497 14.78 15.10 -0.86
N LYS A 498 14.39 16.31 -1.29
CA LYS A 498 13.13 16.47 -1.99
C LYS A 498 13.16 15.82 -3.37
N PHE A 499 14.35 15.72 -3.97
CA PHE A 499 14.51 14.96 -5.20
C PHE A 499 14.01 13.53 -5.04
N MET A 500 14.46 12.86 -3.99
CA MET A 500 14.02 11.49 -3.75
C MET A 500 12.55 11.45 -3.36
N SER A 501 12.03 12.51 -2.74
CA SER A 501 10.60 12.55 -2.44
C SER A 501 9.77 12.60 -3.73
N LYS A 502 10.19 13.41 -4.69
CA LYS A 502 9.49 13.45 -5.98
C LYS A 502 9.62 12.12 -6.70
N TYR A 503 10.82 11.53 -6.69
CA TYR A 503 11.00 10.22 -7.30
C TYR A 503 10.07 9.18 -6.65
N HIS A 504 9.92 9.25 -5.33
CA HIS A 504 9.05 8.32 -4.62
C HIS A 504 7.59 8.53 -5.00
N ASP A 505 7.12 9.78 -4.96
CA ASP A 505 5.74 10.06 -5.32
C ASP A 505 5.43 9.72 -6.76
N ILE A 506 6.43 9.70 -7.63
CA ILE A 506 6.20 9.29 -9.01
C ILE A 506 6.17 7.77 -9.12
N ALA A 507 7.20 7.10 -8.59
CA ALA A 507 7.32 5.65 -8.76
C ALA A 507 6.44 4.81 -7.84
N PHE A 508 6.57 5.02 -6.53
CA PHE A 508 5.89 4.19 -5.53
C PHE A 508 4.77 5.05 -4.96
N GLN A 509 3.55 4.81 -5.43
CA GLN A 509 2.39 5.64 -5.07
C GLN A 509 1.52 5.09 -3.94
N ASN A 510 2.10 4.27 -3.07
CA ASN A 510 1.42 3.72 -1.91
C ASN A 510 1.32 4.71 -0.75
N LYS A 511 0.13 5.27 -0.55
CA LYS A 511 -0.08 6.28 0.47
C LYS A 511 -1.25 5.90 1.36
N LEU A 512 -1.13 6.20 2.64
CA LEU A 512 -2.24 6.09 3.58
C LEU A 512 -2.89 7.46 3.75
N TYR A 513 -3.82 7.58 4.67
CA TYR A 513 -4.44 8.86 4.95
C TYR A 513 -3.43 9.89 5.46
N ALA A 514 -3.75 11.17 5.24
CA ALA A 514 -2.95 12.30 5.70
C ALA A 514 -1.56 12.33 5.07
N GLY A 515 -1.44 11.87 3.83
CA GLY A 515 -0.21 12.01 3.08
C GLY A 515 0.94 11.14 3.55
N ARG A 516 0.66 10.09 4.31
CA ARG A 516 1.72 9.23 4.82
C ARG A 516 2.16 8.24 3.74
N ARG A 517 3.44 8.26 3.40
CA ARG A 517 4.01 7.30 2.47
C ARG A 517 4.44 6.04 3.21
N ARG A 518 4.63 4.97 2.45
CA ARG A 518 5.12 3.71 2.99
C ARG A 518 6.57 3.53 2.52
N TYR A 519 7.49 3.52 3.48
CA TYR A 519 8.91 3.30 3.18
C TYR A 519 9.22 1.83 3.43
N LEU A 520 8.79 0.99 2.49
CA LEU A 520 9.01 -0.45 2.55
C LEU A 520 10.30 -0.83 1.84
N THR A 521 10.75 -2.07 2.10
CA THR A 521 11.96 -2.56 1.46
C THR A 521 11.84 -2.60 -0.06
N GLN A 522 10.70 -3.09 -0.55
CA GLN A 522 10.46 -3.18 -1.99
C GLN A 522 10.47 -1.82 -2.67
N TYR A 523 10.36 -0.73 -1.91
CA TYR A 523 10.40 0.62 -2.45
C TYR A 523 11.78 1.26 -2.29
N VAL A 524 12.41 1.09 -1.13
CA VAL A 524 13.71 1.71 -0.89
C VAL A 524 14.80 1.01 -1.68
N ASN A 525 14.61 -0.28 -1.99
CA ASN A 525 15.59 -0.99 -2.81
C ASN A 525 15.74 -0.36 -4.19
N LYS A 526 14.69 0.31 -4.68
CA LYS A 526 14.69 0.90 -6.01
C LYS A 526 15.08 2.38 -6.00
N TYR A 527 15.61 2.89 -4.90
CA TYR A 527 16.10 4.26 -4.86
C TYR A 527 17.38 4.38 -5.67
N PRO A 528 17.44 5.26 -6.67
CA PRO A 528 18.66 5.38 -7.48
C PRO A 528 19.79 6.05 -6.70
N ILE A 529 21.02 5.70 -7.07
CA ILE A 529 22.21 6.23 -6.43
C ILE A 529 23.16 6.76 -7.50
N PRO A 530 23.69 7.97 -7.34
CA PRO A 530 24.69 8.46 -8.31
C PRO A 530 26.04 7.78 -8.12
N ASP A 531 27.00 8.11 -8.98
CA ASP A 531 28.31 7.49 -8.91
C ASP A 531 28.97 7.83 -7.58
N PRO A 532 29.26 6.83 -6.73
CA PRO A 532 29.82 7.13 -5.40
C PRO A 532 31.25 7.67 -5.44
N GLU A 533 31.90 7.72 -6.61
CA GLU A 533 33.23 8.32 -6.73
C GLU A 533 33.23 9.60 -7.55
N SER A 534 32.06 10.17 -7.81
CA SER A 534 31.98 11.48 -8.41
C SER A 534 32.42 12.55 -7.42
N ILE A 535 32.86 13.70 -7.94
CA ILE A 535 33.24 14.81 -7.07
C ILE A 535 32.00 15.36 -6.36
N TYR A 536 30.87 15.45 -7.07
CA TYR A 536 29.63 15.89 -6.44
C TYR A 536 29.21 14.93 -5.34
N SER A 537 29.35 13.62 -5.58
CA SER A 537 28.98 12.64 -4.58
C SER A 537 29.89 12.74 -3.36
N LYS A 538 31.19 12.98 -3.55
CA LYS A 538 32.09 13.11 -2.42
C LYS A 538 31.79 14.38 -1.61
N GLU A 539 31.44 15.48 -2.29
CA GLU A 539 31.03 16.67 -1.57
C GLU A 539 29.74 16.42 -0.79
N ILE A 540 28.81 15.65 -1.37
CA ILE A 540 27.60 15.27 -0.66
C ILE A 540 27.94 14.46 0.59
N ILE A 541 28.88 13.52 0.48
CA ILE A 541 29.27 12.69 1.61
C ILE A 541 29.88 13.55 2.71
N SER A 542 30.73 14.51 2.33
CA SER A 542 31.32 15.39 3.33
C SER A 542 30.27 16.23 4.03
N LEU A 543 29.32 16.78 3.27
CA LEU A 543 28.24 17.58 3.86
C LEU A 543 27.39 16.75 4.81
N VAL A 544 27.09 15.50 4.43
CA VAL A 544 26.28 14.65 5.30
C VAL A 544 27.04 14.29 6.56
N ARG A 545 28.36 14.05 6.44
CA ARG A 545 29.18 13.81 7.63
C ARG A 545 29.11 15.00 8.57
N GLU A 546 29.24 16.22 8.03
CA GLU A 546 29.12 17.42 8.85
C GLU A 546 27.75 17.50 9.51
N LEU A 547 26.69 17.13 8.78
CA LEU A 547 25.34 17.21 9.33
C LEU A 547 25.13 16.20 10.45
N VAL A 548 25.68 14.99 10.31
CA VAL A 548 25.36 13.95 11.28
C VAL A 548 26.26 14.04 12.50
N ASN A 549 27.52 14.43 12.31
CA ASN A 549 28.47 14.49 13.42
C ASN A 549 28.15 15.67 14.33
N ASN A 550 28.47 16.88 13.88
CA ASN A 550 28.22 18.07 14.67
C ASN A 550 26.72 18.31 14.79
N LYS A 551 26.28 18.66 16.01
CA LYS A 551 24.87 18.97 16.24
C LYS A 551 24.68 20.37 16.82
N LYS A 552 25.61 21.28 16.56
CA LYS A 552 25.45 22.67 16.94
C LYS A 552 24.73 23.50 15.90
N GLU A 553 24.51 22.95 14.70
CA GLU A 553 23.82 23.67 13.64
C GLU A 553 22.33 23.79 13.95
N THR A 554 21.75 24.92 13.55
CA THR A 554 20.32 25.16 13.75
C THR A 554 19.69 25.35 12.38
N GLN A 555 19.47 26.59 11.94
CA GLN A 555 18.89 26.85 10.63
C GLN A 555 19.94 26.86 9.53
N ASP A 556 21.22 26.69 9.86
CA ASP A 556 22.22 26.41 8.84
C ASP A 556 22.00 25.03 8.22
N ILE A 557 21.28 24.15 8.92
CA ILE A 557 20.95 22.84 8.38
C ILE A 557 20.18 22.99 7.08
N ASN A 558 19.29 23.97 6.99
CA ASN A 558 18.54 24.19 5.75
C ASN A 558 19.46 24.62 4.62
N GLU A 559 20.45 25.47 4.92
CA GLU A 559 21.42 25.88 3.90
C GLU A 559 22.21 24.68 3.39
N ILE A 560 22.70 23.85 4.32
CA ILE A 560 23.45 22.66 3.92
C ILE A 560 22.58 21.71 3.12
N GLU A 561 21.30 21.60 3.50
CA GLU A 561 20.39 20.72 2.76
C GLU A 561 20.14 21.23 1.35
N ASN A 562 20.00 22.54 1.18
CA ASN A 562 19.82 23.09 -0.16
C ASN A 562 21.07 22.89 -1.01
N ARG A 563 22.25 23.06 -0.40
CA ARG A 563 23.48 22.73 -1.10
C ARG A 563 23.51 21.28 -1.54
N ILE A 564 23.06 20.38 -0.66
CA ILE A 564 22.99 18.95 -1.01
C ILE A 564 22.01 18.73 -2.16
N GLU A 565 20.89 19.46 -2.16
CA GLU A 565 19.92 19.33 -3.24
C GLU A 565 20.55 19.71 -4.57
N LYS A 566 21.26 20.85 -4.60
CA LYS A 566 21.91 21.27 -5.84
C LYS A 566 22.99 20.27 -6.27
N LEU A 567 23.72 19.70 -5.30
CA LEU A 567 24.75 18.73 -5.64
C LEU A 567 24.14 17.44 -6.19
N ILE A 568 23.01 17.00 -5.63
CA ILE A 568 22.33 15.82 -6.16
C ILE A 568 21.83 16.08 -7.57
N LEU A 569 21.27 17.27 -7.80
CA LEU A 569 20.86 17.65 -9.15
C LEU A 569 22.04 17.58 -10.12
N ARG A 570 23.19 18.13 -9.71
CA ARG A 570 24.37 18.07 -10.56
C ARG A 570 24.90 16.64 -10.71
N ALA A 571 24.60 15.78 -9.74
CA ALA A 571 25.03 14.37 -9.81
C ALA A 571 24.27 13.67 -10.93
N PHE A 572 22.94 13.82 -10.94
CA PHE A 572 22.10 13.21 -12.00
C PHE A 572 21.92 14.21 -13.14
N ASP A 573 20.79 14.93 -13.15
CA ASP A 573 20.55 15.96 -14.20
C ASP A 573 20.04 17.26 -13.57
N ILE A 574 19.93 18.33 -14.37
CA ILE A 574 19.62 19.67 -13.77
C ILE A 574 18.14 19.98 -13.60
N GLU A 575 17.64 20.01 -12.36
CA GLU A 575 16.30 20.51 -12.05
C GLU A 575 15.16 19.61 -12.51
N SER A 576 13.95 20.14 -12.47
CA SER A 576 12.75 19.41 -12.85
C SER A 576 12.14 19.96 -14.14
P 6MA B 7 -8.28 -3.92 5.62
OP1 6MA B 7 -9.09 -4.11 6.86
OP2 6MA B 7 -8.26 -4.99 4.58
O5' 6MA B 7 -8.77 -2.57 4.94
C5' 6MA B 7 -9.89 -2.62 4.06
C4' 6MA B 7 -10.98 -1.72 4.58
O4' 6MA B 7 -11.90 -1.44 3.54
C3' 6MA B 7 -11.77 -2.39 5.69
O3' 6MA B 7 -11.26 -2.02 6.98
C2' 6MA B 7 -13.21 -2.01 5.45
C1' 6MA B 7 -13.24 -1.49 4.01
N9 6MA B 7 -14.02 -2.38 3.13
C8 6MA B 7 -14.07 -3.72 3.18
N7 6MA B 7 -14.87 -4.21 2.21
C5 6MA B 7 -15.35 -3.18 1.53
C6 6MA B 7 -16.25 -3.00 0.37
N1 6MA B 7 -16.50 -1.74 -0.04
C2 6MA B 7 -15.94 -0.69 0.55
N3 6MA B 7 -15.11 -0.78 1.61
C4 6MA B 7 -14.79 -1.98 2.13
N6 6MA B 7 -16.82 -4.05 -0.24
C1 6MA B 7 -18.07 -3.86 -0.93
P 6MA C 7 -1.63 -12.56 16.17
OP1 6MA C 7 -2.68 -11.77 16.91
OP2 6MA C 7 -0.75 -13.53 16.88
O5' 6MA C 7 -2.36 -13.31 14.96
C5' 6MA C 7 -1.62 -14.07 14.01
C4' 6MA C 7 -2.18 -13.91 12.61
O4' 6MA C 7 -1.59 -12.76 12.01
C3' 6MA C 7 -1.84 -15.07 11.71
O3' 6MA C 7 -2.90 -15.31 10.78
C2' 6MA C 7 -0.59 -14.64 10.99
C1' 6MA C 7 -0.68 -13.13 11.00
N9 6MA C 7 0.63 -12.52 11.29
C8 6MA C 7 1.32 -12.69 12.42
N7 6MA C 7 2.47 -12.00 12.39
C5 6MA C 7 2.54 -11.37 11.21
C6 6MA C 7 3.49 -10.48 10.53
N1 6MA C 7 3.17 -10.06 9.30
C2 6MA C 7 2.03 -10.42 8.70
N3 6MA C 7 1.13 -11.23 9.25
C4 6MA C 7 1.33 -11.73 10.49
N6 6MA C 7 4.65 -10.10 11.11
C1 6MA C 7 5.45 -11.04 11.87
N SAH D . -21.89 -4.38 -4.22
CA SAH D . -22.77 -3.68 -3.27
CB SAH D . -22.55 -4.20 -1.85
CG SAH D . -21.15 -4.63 -1.59
SD SAH D . -20.97 -5.23 0.09
C SAH D . -22.48 -2.18 -3.33
O SAH D . -21.38 -1.85 -3.76
OXT SAH D . -23.37 -1.43 -2.97
C5' SAH D . -20.30 -6.87 -0.21
C4' SAH D . -21.38 -7.88 -0.39
O4' SAH D . -20.80 -9.10 -0.91
C3' SAH D . -22.11 -8.27 0.89
O3' SAH D . -23.51 -8.04 0.78
C2' SAH D . -21.81 -9.77 1.08
O2' SAH D . -22.93 -10.48 1.56
C1' SAH D . -21.44 -10.20 -0.32
N9 SAH D . -20.53 -11.33 -0.38
C8 SAH D . -19.42 -11.50 0.42
N7 SAH D . -18.77 -12.60 0.16
C5 SAH D . -19.49 -13.19 -0.88
C6 SAH D . -19.29 -14.37 -1.60
N6 SAH D . -18.28 -15.21 -1.37
N1 SAH D . -20.18 -14.67 -2.57
C2 SAH D . -21.20 -13.82 -2.78
N3 SAH D . -21.47 -12.67 -2.17
C4 SAH D . -20.57 -12.40 -1.22
#